data_6U14
#
_entry.id   6U14
#
_cell.length_a   47.280
_cell.length_b   47.380
_cell.length_c   99.340
_cell.angle_alpha   90.000
_cell.angle_beta   90.000
_cell.angle_gamma   90.000
#
_symmetry.space_group_name_H-M   'P 21 21 21'
#
loop_
_entity.id
_entity.type
_entity.pdbx_description
1 polymer 'VHH R303 C33A/C102A mutant'
2 non-polymer 'SULFATE ION'
3 water water
#
_entity_poly.entity_id   1
_entity_poly.type   'polypeptide(L)'
_entity_poly.pdbx_seq_one_letter_code
;QVKLEESGGGSVQAGGSLRLSCAASGHTYSTYAMGWFRQVPGKEREGVARINVGGSSTWYADSVRDRFTISQDNAKNTVY
LQMNSLKLEDTAIYYCTLHRFANTWSLGTLNVWGQGTQVTVSSGSEQKLISEEDLNHHHHHH
;
_entity_poly.pdbx_strand_id   B,A
#
# COMPACT_ATOMS: atom_id res chain seq x y z
N GLN A 1 9.21 21.75 12.45
CA GLN A 1 9.13 20.63 13.42
C GLN A 1 7.75 20.03 13.40
N VAL A 2 7.68 18.75 13.76
CA VAL A 2 6.41 18.00 13.80
C VAL A 2 6.52 16.97 14.90
N LYS A 3 5.51 16.83 15.74
CA LYS A 3 5.46 15.81 16.77
C LYS A 3 4.37 14.83 16.48
N LEU A 4 4.62 13.56 16.77
CA LEU A 4 3.70 12.46 16.55
C LEU A 4 3.32 11.89 17.92
N GLU A 5 2.06 11.96 18.24
CA GLU A 5 1.51 11.51 19.51
C GLU A 5 0.76 10.22 19.25
N GLU A 6 1.23 9.16 19.88
CA GLU A 6 0.71 7.80 19.70
C GLU A 6 -0.19 7.40 20.84
N SER A 7 -1.19 6.60 20.54
CA SER A 7 -2.08 6.01 21.53
C SER A 7 -2.54 4.64 21.03
N GLY A 8 -3.19 3.90 21.89
CA GLY A 8 -3.74 2.61 21.58
C GLY A 8 -2.78 1.48 21.89
N GLY A 9 -2.97 0.37 21.24
CA GLY A 9 -2.17 -0.80 21.47
C GLY A 9 -2.51 -1.48 22.77
N GLY A 10 -1.62 -2.37 23.19
CA GLY A 10 -1.86 -3.14 24.40
C GLY A 10 -1.70 -4.63 24.09
N SER A 11 -2.49 -5.44 24.75
CA SER A 11 -2.40 -6.89 24.66
C SER A 11 -3.75 -7.49 24.42
N VAL A 12 -3.80 -8.55 23.62
CA VAL A 12 -5.04 -9.26 23.35
C VAL A 12 -4.73 -10.70 23.05
N GLN A 13 -5.70 -11.56 23.19
CA GLN A 13 -5.56 -12.95 22.80
C GLN A 13 -5.68 -13.03 21.29
N ALA A 14 -4.97 -13.99 20.71
CA ALA A 14 -5.03 -14.25 19.26
C ALA A 14 -6.49 -14.37 18.82
N GLY A 15 -6.80 -13.72 17.69
CA GLY A 15 -8.12 -13.61 17.15
C GLY A 15 -8.82 -12.33 17.52
N GLY A 16 -8.32 -11.61 18.52
CA GLY A 16 -8.90 -10.37 19.02
C GLY A 16 -8.45 -9.19 18.18
N SER A 17 -8.82 -7.99 18.68
CA SER A 17 -8.62 -6.76 17.97
C SER A 17 -8.00 -5.73 18.91
N LEU A 18 -7.26 -4.82 18.32
CA LEU A 18 -6.75 -3.63 18.99
C LEU A 18 -6.78 -2.49 18.00
N ARG A 19 -6.73 -1.26 18.47
CA ARG A 19 -6.60 -0.10 17.61
C ARG A 19 -5.36 0.70 18.04
N LEU A 20 -4.74 1.36 17.08
CA LEU A 20 -3.70 2.36 17.30
C LEU A 20 -4.21 3.68 16.75
N SER A 21 -3.71 4.78 17.28
CA SER A 21 -3.97 6.10 16.74
C SER A 21 -2.74 6.95 16.82
N CYS A 22 -2.62 7.94 15.93
CA CYS A 22 -1.44 8.82 15.94
C CYS A 22 -1.88 10.19 15.42
N ALA A 23 -1.54 11.23 16.14
CA ALA A 23 -1.88 12.60 15.82
C ALA A 23 -0.58 13.36 15.55
N ALA A 24 -0.51 14.07 14.42
CA ALA A 24 0.63 14.93 14.12
C ALA A 24 0.31 16.37 14.50
N SER A 25 1.29 17.07 15.05
CA SER A 25 1.13 18.47 15.45
C SER A 25 2.36 19.21 14.97
N GLY A 26 2.21 20.46 14.65
CA GLY A 26 3.36 21.17 14.16
C GLY A 26 3.23 21.55 12.71
N HIS A 27 4.33 21.53 11.98
CA HIS A 27 4.31 21.92 10.57
C HIS A 27 3.90 20.70 9.77
N THR A 28 2.72 20.74 9.19
CA THR A 28 2.25 19.66 8.32
C THR A 28 1.98 20.25 6.93
N TYR A 29 2.12 19.41 5.93
CA TYR A 29 1.88 19.81 4.55
C TYR A 29 0.40 19.60 4.23
N SER A 30 -0.01 20.13 3.07
CA SER A 30 -1.41 20.04 2.64
C SER A 30 -1.83 18.58 2.51
N THR A 31 -0.95 17.76 1.97
CA THR A 31 -1.13 16.33 1.96
C THR A 31 0.20 15.76 2.40
N TYR A 32 0.16 14.57 2.95
CA TYR A 32 1.38 13.92 3.40
C TYR A 32 1.04 12.50 3.75
N ALA A 33 2.06 11.66 3.83
CA ALA A 33 1.92 10.26 4.17
C ALA A 33 2.13 10.01 5.66
N MET A 34 1.20 9.27 6.26
CA MET A 34 1.34 8.90 7.65
C MET A 34 0.80 7.50 7.84
N GLY A 35 1.34 6.82 8.82
CA GLY A 35 0.90 5.49 9.15
C GLY A 35 1.87 4.84 10.07
N TRP A 36 2.00 3.53 9.96
CA TRP A 36 2.85 2.78 10.87
C TRP A 36 3.82 1.84 10.17
N PHE A 37 4.98 1.74 10.77
CA PHE A 37 5.91 0.59 10.62
C PHE A 37 5.76 -0.25 11.87
N ARG A 38 6.28 -1.46 11.83
CA ARG A 38 6.39 -2.24 13.05
C ARG A 38 7.72 -2.95 13.06
N GLN A 39 8.17 -3.30 14.27
CA GLN A 39 9.40 -4.08 14.48
C GLN A 39 9.03 -5.32 15.27
N VAL A 40 8.93 -6.44 14.58
CA VAL A 40 8.67 -7.72 15.20
C VAL A 40 9.97 -8.27 15.79
N PRO A 41 9.91 -9.18 16.75
CA PRO A 41 11.13 -9.60 17.42
C PRO A 41 12.10 -10.20 16.40
N GLY A 42 13.36 -9.79 16.51
CA GLY A 42 14.39 -10.28 15.65
C GLY A 42 14.56 -9.58 14.34
N LYS A 43 13.62 -8.76 13.95
CA LYS A 43 13.63 -8.12 12.64
C LYS A 43 13.77 -6.62 12.79
N GLU A 44 14.16 -5.99 11.71
CA GLU A 44 14.17 -4.53 11.65
C GLU A 44 12.80 -4.02 11.27
N ARG A 45 12.55 -2.76 11.55
CA ARG A 45 11.27 -2.15 11.21
C ARG A 45 10.90 -2.33 9.75
N GLU A 46 9.61 -2.50 9.53
CA GLU A 46 9.00 -2.72 8.24
C GLU A 46 7.70 -1.96 8.11
N GLY A 47 7.39 -1.50 6.92
CA GLY A 47 6.14 -0.78 6.72
C GLY A 47 4.95 -1.70 6.95
N VAL A 48 3.89 -1.15 7.51
CA VAL A 48 2.64 -1.86 7.80
C VAL A 48 1.43 -1.27 7.05
N ALA A 49 1.23 0.04 7.25
CA ALA A 49 0.04 0.69 6.69
C ALA A 49 0.34 2.17 6.55
N ARG A 50 -0.08 2.71 5.40
CA ARG A 50 0.10 4.09 5.03
C ARG A 50 -1.22 4.66 4.51
N ILE A 51 -1.48 5.93 4.81
CA ILE A 51 -2.61 6.67 4.23
C ILE A 51 -2.08 8.02 3.79
N ASN A 52 -2.69 8.55 2.74
CA ASN A 52 -2.44 9.91 2.29
C ASN A 52 -3.36 10.82 3.05
N VAL A 53 -2.82 11.45 4.08
CA VAL A 53 -3.60 12.41 4.83
C VAL A 53 -3.89 13.56 3.89
N GLY A 54 -5.15 13.91 3.82
CA GLY A 54 -5.63 14.91 2.87
C GLY A 54 -5.95 14.34 1.52
N GLY A 55 -5.73 13.06 1.30
CA GLY A 55 -6.15 12.33 0.10
C GLY A 55 -6.97 11.15 0.56
N SER A 56 -6.96 10.06 -0.21
CA SER A 56 -7.75 8.87 0.19
C SER A 56 -6.97 7.56 -0.02
N SER A 57 -5.85 7.54 -0.70
CA SER A 57 -5.19 6.27 -1.02
CA SER A 57 -5.20 6.27 -1.03
C SER A 57 -4.53 5.68 0.21
N THR A 58 -4.58 4.34 0.33
CA THR A 58 -3.99 3.59 1.42
C THR A 58 -3.05 2.57 0.83
N TRP A 59 -2.13 2.11 1.65
CA TRP A 59 -1.22 0.99 1.32
C TRP A 59 -1.05 0.09 2.56
N TYR A 60 -0.97 -1.20 2.32
CA TYR A 60 -0.74 -2.17 3.38
C TYR A 60 0.35 -3.15 2.98
N ALA A 61 1.10 -3.61 3.96
CA ALA A 61 1.92 -4.78 3.77
C ALA A 61 1.01 -5.95 3.38
N ASP A 62 1.53 -6.81 2.53
CA ASP A 62 0.77 -7.99 2.13
C ASP A 62 0.32 -8.82 3.35
N SER A 63 1.16 -8.89 4.39
CA SER A 63 0.92 -9.76 5.54
C SER A 63 -0.22 -9.28 6.41
N VAL A 64 -0.66 -8.03 6.23
CA VAL A 64 -1.71 -7.50 7.09
C VAL A 64 -2.93 -7.05 6.31
N ARG A 65 -2.96 -7.17 4.98
CA ARG A 65 -4.07 -6.59 4.24
CA ARG A 65 -4.07 -6.59 4.24
C ARG A 65 -5.34 -7.35 4.62
N ASP A 66 -6.46 -6.64 4.61
CA ASP A 66 -7.75 -7.25 4.99
C ASP A 66 -7.99 -7.40 6.51
N ARG A 67 -6.94 -7.67 7.31
CA ARG A 67 -7.10 -7.68 8.77
C ARG A 67 -6.93 -6.31 9.36
N PHE A 68 -6.08 -5.49 8.75
CA PHE A 68 -5.84 -4.15 9.26
C PHE A 68 -6.43 -3.10 8.35
N THR A 69 -6.95 -2.03 8.92
CA THR A 69 -7.50 -0.92 8.16
C THR A 69 -7.05 0.41 8.73
N ILE A 70 -6.47 1.23 7.88
CA ILE A 70 -6.01 2.57 8.24
C ILE A 70 -7.02 3.58 7.73
N SER A 71 -7.30 4.57 8.57
CA SER A 71 -8.23 5.65 8.29
C SER A 71 -7.69 6.93 8.87
N GLN A 72 -8.37 8.04 8.53
CA GLN A 72 -7.89 9.33 8.97
C GLN A 72 -9.00 10.25 9.43
N ASP A 73 -8.59 11.27 10.19
CA ASP A 73 -9.28 12.56 10.34
C ASP A 73 -8.30 13.62 9.83
N ASN A 74 -8.54 14.07 8.59
CA ASN A 74 -7.63 14.98 7.91
C ASN A 74 -7.48 16.28 8.70
N ALA A 75 -8.58 16.91 9.04
CA ALA A 75 -8.48 18.21 9.68
C ALA A 75 -7.76 18.12 11.01
N LYS A 76 -7.87 16.99 11.73
CA LYS A 76 -7.20 16.79 13.00
C LYS A 76 -5.84 16.15 12.86
N ASN A 77 -5.38 15.96 11.62
CA ASN A 77 -4.06 15.40 11.36
C ASN A 77 -3.85 14.15 12.18
N THR A 78 -4.86 13.28 12.19
CA THR A 78 -4.84 12.05 12.94
C THR A 78 -5.11 10.85 12.02
N VAL A 79 -4.44 9.75 12.32
CA VAL A 79 -4.71 8.48 11.66
C VAL A 79 -5.00 7.40 12.66
N TYR A 80 -5.66 6.35 12.19
CA TYR A 80 -6.14 5.25 13.03
C TYR A 80 -5.85 3.94 12.34
N LEU A 81 -5.44 2.94 13.09
CA LEU A 81 -5.17 1.60 12.58
C LEU A 81 -6.02 0.59 13.36
N GLN A 82 -7.06 0.05 12.74
CA GLN A 82 -7.91 -0.99 13.32
C GLN A 82 -7.31 -2.36 12.95
N MET A 83 -6.91 -3.14 13.94
CA MET A 83 -6.23 -4.42 13.76
C MET A 83 -7.17 -5.49 14.24
N ASN A 84 -7.70 -6.27 13.31
CA ASN A 84 -8.57 -7.38 13.62
C ASN A 84 -7.88 -8.71 13.38
N SER A 85 -8.44 -9.77 13.97
CA SER A 85 -7.95 -11.12 13.75
C SER A 85 -6.45 -11.20 14.01
N LEU A 86 -6.04 -10.62 15.11
CA LEU A 86 -4.61 -10.53 15.39
C LEU A 86 -4.02 -11.91 15.67
N LYS A 87 -2.78 -12.08 15.22
CA LYS A 87 -2.04 -13.32 15.32
C LYS A 87 -0.87 -13.11 16.26
N LEU A 88 -0.30 -14.21 16.75
CA LEU A 88 0.87 -14.11 17.61
C LEU A 88 1.94 -13.26 16.96
N GLU A 89 2.24 -13.52 15.68
CA GLU A 89 3.34 -12.87 14.99
C GLU A 89 3.00 -11.48 14.52
N ASP A 90 1.86 -10.90 14.96
CA ASP A 90 1.65 -9.46 14.88
C ASP A 90 2.21 -8.73 16.07
N THR A 91 2.73 -9.44 17.08
CA THR A 91 3.40 -8.85 18.21
C THR A 91 4.58 -8.06 17.75
N ALA A 92 4.69 -6.81 18.18
CA ALA A 92 5.71 -5.94 17.66
C ALA A 92 5.61 -4.61 18.39
N ILE A 93 6.63 -3.80 18.27
CA ILE A 93 6.50 -2.34 18.53
C ILE A 93 6.01 -1.73 17.23
N TYR A 94 4.93 -0.96 17.29
CA TYR A 94 4.32 -0.26 16.14
C TYR A 94 4.67 1.20 16.26
N TYR A 95 5.27 1.78 15.22
CA TYR A 95 5.75 3.15 15.25
C TYR A 95 4.94 3.96 14.28
N CYS A 96 4.32 5.02 14.76
CA CYS A 96 3.77 6.03 13.87
C CYS A 96 4.88 6.74 13.14
N THR A 97 4.66 7.05 11.87
CA THR A 97 5.72 7.69 11.09
C THR A 97 5.13 8.48 9.96
N LEU A 98 5.80 9.56 9.59
CA LEU A 98 5.31 10.54 8.65
C LEU A 98 6.39 10.91 7.63
N HIS A 99 5.97 11.21 6.43
CA HIS A 99 6.82 11.86 5.42
C HIS A 99 5.94 12.69 4.54
N ARG A 100 6.50 13.79 4.01
CA ARG A 100 5.81 14.54 2.96
C ARG A 100 5.37 13.70 1.77
N PHE A 101 6.19 12.75 1.36
CA PHE A 101 5.99 12.00 0.15
C PHE A 101 5.75 10.53 0.41
N ALA A 102 4.71 9.99 -0.20
CA ALA A 102 4.34 8.63 0.07
C ALA A 102 5.39 7.63 -0.30
N ASN A 103 6.08 7.83 -1.43
CA ASN A 103 7.04 6.81 -1.79
C ASN A 103 8.33 6.92 -1.01
N THR A 104 8.69 8.09 -0.55
CA THR A 104 9.82 8.19 0.36
C THR A 104 9.45 7.60 1.69
N TRP A 105 8.21 7.80 2.12
CA TRP A 105 7.71 7.23 3.39
C TRP A 105 8.06 5.77 3.49
N SER A 106 7.92 5.02 2.41
CA SER A 106 8.08 3.58 2.43
CA SER A 106 8.10 3.57 2.43
C SER A 106 9.50 3.16 2.81
N LEU A 107 10.49 4.01 2.63
CA LEU A 107 11.87 3.67 2.96
C LEU A 107 12.09 3.78 4.48
N GLY A 108 11.30 4.54 5.21
CA GLY A 108 11.53 4.79 6.61
C GLY A 108 12.59 5.76 7.00
N THR A 109 13.75 5.63 6.38
CA THR A 109 14.97 6.37 6.75
C THR A 109 14.75 7.83 6.98
N LEU A 110 14.05 8.49 6.08
CA LEU A 110 13.90 9.96 6.13
C LEU A 110 12.67 10.45 6.87
N ASN A 111 11.91 9.55 7.47
CA ASN A 111 10.65 9.90 8.10
C ASN A 111 10.82 10.53 9.49
N VAL A 112 9.78 11.25 9.89
CA VAL A 112 9.56 11.60 11.29
C VAL A 112 9.01 10.39 12.02
N TRP A 113 9.51 10.11 13.23
CA TRP A 113 9.14 8.95 14.01
C TRP A 113 8.52 9.30 15.32
N GLY A 114 7.46 8.48 15.67
CA GLY A 114 6.92 8.40 17.01
C GLY A 114 7.77 7.52 17.91
N GLN A 115 7.43 7.50 19.19
CA GLN A 115 8.13 6.70 20.21
C GLN A 115 7.86 5.23 20.12
N GLY A 116 6.77 4.84 19.54
CA GLY A 116 6.43 3.44 19.44
C GLY A 116 5.41 3.02 20.48
N THR A 117 4.57 2.05 20.09
CA THR A 117 3.51 1.54 20.94
C THR A 117 3.60 0.03 20.91
N GLN A 118 3.63 -0.61 22.04
CA GLN A 118 3.67 -2.07 22.07
C GLN A 118 2.33 -2.69 21.77
N VAL A 119 2.38 -3.75 21.00
CA VAL A 119 1.26 -4.67 20.80
C VAL A 119 1.76 -6.05 21.11
N THR A 120 1.01 -6.78 21.95
CA THR A 120 1.32 -8.17 22.24
C THR A 120 0.10 -9.00 22.02
N VAL A 121 0.28 -10.18 21.46
CA VAL A 121 -0.79 -11.12 21.20
C VAL A 121 -0.46 -12.40 21.92
N SER A 122 -1.32 -12.81 22.81
CA SER A 122 -1.17 -14.04 23.61
C SER A 122 -1.90 -15.20 22.93
N SER A 123 -1.47 -16.44 23.19
CA SER A 123 -2.20 -17.61 22.64
C SER A 123 -3.32 -17.90 23.58
N VAL B 2 -14.53 6.83 -5.08
CA VAL B 2 -13.91 5.51 -4.94
C VAL B 2 -12.53 5.70 -4.43
N LYS B 3 -12.09 4.76 -3.59
CA LYS B 3 -10.77 4.77 -3.01
C LYS B 3 -10.01 3.52 -3.43
N LEU B 4 -8.68 3.62 -3.49
CA LEU B 4 -7.83 2.49 -3.91
C LEU B 4 -6.95 2.06 -2.76
N GLU B 5 -6.99 0.81 -2.44
CA GLU B 5 -6.23 0.22 -1.31
C GLU B 5 -5.18 -0.66 -1.94
N GLU B 6 -3.93 -0.25 -1.86
CA GLU B 6 -2.83 -0.95 -2.52
C GLU B 6 -2.07 -1.77 -1.50
N SER B 7 -1.41 -2.82 -1.95
CA SER B 7 -0.61 -3.67 -1.06
C SER B 7 0.62 -4.20 -1.80
N GLY B 8 1.63 -4.46 -1.00
CA GLY B 8 2.80 -5.18 -1.51
C GLY B 8 3.89 -4.22 -1.96
N GLY B 9 4.95 -4.81 -2.51
CA GLY B 9 6.08 -4.08 -3.04
C GLY B 9 7.33 -4.27 -2.21
N GLY B 10 8.29 -3.38 -2.39
CA GLY B 10 9.51 -3.42 -1.62
C GLY B 10 10.71 -3.90 -2.41
N SER B 11 11.69 -4.38 -1.68
CA SER B 11 12.91 -4.78 -2.34
C SER B 11 12.87 -6.27 -2.67
N VAL B 12 13.58 -6.64 -3.73
CA VAL B 12 13.60 -8.02 -4.20
C VAL B 12 14.87 -8.17 -5.01
N GLN B 13 15.43 -9.39 -4.99
CA GLN B 13 16.63 -9.67 -5.75
C GLN B 13 16.26 -9.93 -7.20
N ALA B 14 17.11 -9.48 -8.11
CA ALA B 14 16.90 -9.77 -9.52
C ALA B 14 16.60 -11.25 -9.67
N GLY B 15 15.59 -11.54 -10.51
CA GLY B 15 15.12 -12.87 -10.74
C GLY B 15 14.00 -13.30 -9.83
N GLY B 16 13.75 -12.56 -8.78
CA GLY B 16 12.73 -12.93 -7.80
C GLY B 16 11.36 -12.42 -8.17
N SER B 17 10.45 -12.55 -7.20
CA SER B 17 9.03 -12.25 -7.35
C SER B 17 8.51 -11.38 -6.23
N LEU B 18 7.47 -10.63 -6.54
CA LEU B 18 6.69 -9.86 -5.58
C LEU B 18 5.25 -9.94 -6.04
N ARG B 19 4.31 -9.83 -5.12
CA ARG B 19 2.89 -9.73 -5.46
C ARG B 19 2.28 -8.42 -4.95
N LEU B 20 1.66 -7.70 -5.84
CA LEU B 20 0.88 -6.53 -5.52
C LEU B 20 -0.60 -6.87 -5.51
N SER B 21 -1.39 -6.08 -4.78
N SER B 21 -1.39 -6.08 -4.80
CA SER B 21 -2.84 -6.14 -4.81
CA SER B 21 -2.83 -6.14 -4.90
C SER B 21 -3.41 -4.74 -4.81
C SER B 21 -3.42 -4.75 -4.81
N CYS B 22 -4.62 -4.60 -5.32
CA CYS B 22 -5.30 -3.32 -5.28
C CYS B 22 -6.79 -3.56 -5.16
N ALA B 23 -7.44 -3.00 -4.16
CA ALA B 23 -8.86 -3.12 -3.98
C ALA B 23 -9.47 -1.76 -4.20
N ALA B 24 -10.60 -1.73 -4.92
CA ALA B 24 -11.35 -0.49 -5.14
C ALA B 24 -12.61 -0.52 -4.32
N SER B 25 -12.86 0.56 -3.63
CA SER B 25 -13.97 0.67 -2.70
C SER B 25 -14.75 1.93 -3.02
N GLY B 26 -16.01 1.96 -2.65
CA GLY B 26 -16.88 3.08 -2.92
C GLY B 26 -17.80 2.78 -4.08
N TYR B 29 -18.34 0.67 -10.37
CA TYR B 29 -19.22 0.20 -11.44
C TYR B 29 -19.24 -1.33 -11.35
N SER B 30 -20.22 -1.98 -11.97
CA SER B 30 -20.22 -3.43 -11.97
C SER B 30 -19.01 -3.98 -12.69
N THR B 31 -18.62 -3.38 -13.81
CA THR B 31 -17.44 -3.78 -14.55
C THR B 31 -16.63 -2.55 -14.92
N TYR B 32 -15.34 -2.72 -14.95
CA TYR B 32 -14.46 -1.60 -15.21
C TYR B 32 -13.07 -2.16 -15.40
N ALA B 33 -12.15 -1.31 -15.83
CA ALA B 33 -10.76 -1.69 -16.03
C ALA B 33 -9.92 -1.29 -14.83
N MET B 34 -9.08 -2.18 -14.37
CA MET B 34 -8.18 -1.88 -13.28
C MET B 34 -6.88 -2.64 -13.44
N GLY B 35 -5.80 -2.01 -12.97
CA GLY B 35 -4.49 -2.63 -13.05
C GLY B 35 -3.46 -1.66 -12.65
N TRP B 36 -2.29 -1.80 -13.24
CA TRP B 36 -1.12 -1.04 -12.86
C TRP B 36 -0.46 -0.32 -14.06
N PHE B 37 -0.03 0.91 -13.81
CA PHE B 37 1.02 1.60 -14.56
C PHE B 37 2.25 1.62 -13.65
N ARG B 38 3.40 1.96 -14.21
CA ARG B 38 4.60 2.13 -13.44
C ARG B 38 5.31 3.39 -13.90
N GLN B 39 6.19 3.94 -13.05
CA GLN B 39 7.07 5.05 -13.45
C GLN B 39 8.46 4.77 -12.94
N VAL B 40 9.37 4.47 -13.85
CA VAL B 40 10.81 4.39 -13.54
C VAL B 40 11.32 5.80 -13.38
N PRO B 41 12.15 6.08 -12.39
CA PRO B 41 12.71 7.42 -12.27
C PRO B 41 13.36 7.82 -13.56
N GLY B 42 12.99 9.02 -14.02
CA GLY B 42 13.52 9.55 -15.21
C GLY B 42 12.67 9.29 -16.43
N LYS B 43 11.75 8.35 -16.36
CA LYS B 43 10.87 8.02 -17.47
C LYS B 43 9.44 8.50 -17.23
N GLU B 44 8.68 8.57 -18.34
CA GLU B 44 7.23 8.81 -18.23
C GLU B 44 6.53 7.53 -17.76
N ARG B 45 5.38 7.71 -17.13
CA ARG B 45 4.60 6.59 -16.65
C ARG B 45 4.12 5.76 -17.85
N GLU B 46 3.97 4.45 -17.63
CA GLU B 46 3.59 3.58 -18.72
C GLU B 46 2.69 2.48 -18.17
N GLY B 47 1.80 1.99 -19.01
CA GLY B 47 0.98 0.89 -18.65
C GLY B 47 1.77 -0.41 -18.44
N VAL B 48 1.33 -1.20 -17.47
CA VAL B 48 1.98 -2.48 -17.15
C VAL B 48 1.02 -3.61 -17.41
N ALA B 49 -0.16 -3.62 -16.76
CA ALA B 49 -1.10 -4.71 -16.93
C ALA B 49 -2.46 -4.24 -16.52
N ARG B 50 -3.46 -4.74 -17.24
CA ARG B 50 -4.86 -4.40 -16.96
C ARG B 50 -5.74 -5.65 -17.03
N ILE B 51 -6.81 -5.65 -16.24
CA ILE B 51 -7.83 -6.67 -16.34
C ILE B 51 -9.19 -5.98 -16.27
N ASN B 52 -10.15 -6.58 -16.98
CA ASN B 52 -11.54 -6.06 -16.93
C ASN B 52 -12.22 -6.72 -15.74
N VAL B 53 -12.29 -5.99 -14.64
CA VAL B 53 -12.98 -6.45 -13.44
C VAL B 53 -14.44 -6.62 -13.78
N GLY B 54 -15.00 -7.80 -13.51
CA GLY B 54 -16.35 -8.09 -13.92
C GLY B 54 -16.44 -8.55 -15.35
N GLY B 55 -15.31 -8.61 -16.05
CA GLY B 55 -15.23 -9.18 -17.39
C GLY B 55 -14.12 -10.22 -17.41
N SER B 56 -13.50 -10.35 -18.59
CA SER B 56 -12.47 -11.39 -18.74
C SER B 56 -11.15 -10.91 -19.36
N SER B 57 -11.20 -9.84 -20.15
CA SER B 57 -10.05 -9.49 -20.96
C SER B 57 -8.90 -8.97 -20.11
N THR B 58 -7.68 -9.34 -20.49
CA THR B 58 -6.46 -8.81 -19.88
C THR B 58 -5.64 -8.16 -20.97
N TRP B 59 -4.68 -7.38 -20.51
CA TRP B 59 -3.68 -6.74 -21.36
C TRP B 59 -2.38 -6.67 -20.57
N TYR B 60 -1.25 -6.90 -21.22
CA TYR B 60 0.07 -6.73 -20.65
C TYR B 60 0.93 -5.96 -21.61
N ALA B 61 1.78 -5.13 -21.04
CA ALA B 61 2.82 -4.53 -21.83
C ALA B 61 3.75 -5.63 -22.32
N ASP B 62 4.17 -5.53 -23.57
CA ASP B 62 5.07 -6.54 -24.13
C ASP B 62 6.30 -6.76 -23.21
N SER B 63 6.79 -5.72 -22.55
CA SER B 63 7.99 -5.84 -21.69
C SER B 63 7.80 -6.75 -20.47
N VAL B 64 6.55 -7.02 -20.07
CA VAL B 64 6.26 -7.82 -18.87
C VAL B 64 5.46 -9.06 -19.20
N ARG B 65 5.03 -9.24 -20.43
CA ARG B 65 4.22 -10.39 -20.76
CA ARG B 65 4.22 -10.39 -20.75
C ARG B 65 5.04 -11.64 -20.52
N ASP B 66 4.40 -12.64 -19.99
CA ASP B 66 5.01 -13.94 -19.72
C ASP B 66 5.94 -13.90 -18.51
N ARG B 67 6.08 -12.78 -17.85
CA ARG B 67 6.76 -12.68 -16.55
C ARG B 67 5.81 -12.22 -15.47
N PHE B 68 4.77 -11.49 -15.80
CA PHE B 68 3.82 -11.03 -14.83
C PHE B 68 2.44 -11.64 -15.14
N THR B 69 1.60 -11.80 -14.13
CA THR B 69 0.24 -12.29 -14.27
C THR B 69 -0.68 -11.35 -13.51
N ILE B 70 -1.73 -10.86 -14.16
CA ILE B 70 -2.78 -10.08 -13.50
C ILE B 70 -4.01 -10.95 -13.36
N SER B 71 -4.71 -10.83 -12.23
CA SER B 71 -5.91 -11.59 -11.93
C SER B 71 -6.87 -10.72 -11.14
N GLN B 72 -8.09 -11.20 -11.00
CA GLN B 72 -9.11 -10.47 -10.26
C GLN B 72 -9.80 -11.35 -9.25
N ASP B 73 -10.37 -10.72 -8.24
CA ASP B 73 -11.42 -11.27 -7.40
C ASP B 73 -12.56 -10.27 -7.56
N ASN B 74 -13.50 -10.57 -8.46
CA ASN B 74 -14.57 -9.60 -8.75
C ASN B 74 -15.49 -9.35 -7.56
N ALA B 75 -15.83 -10.38 -6.79
CA ALA B 75 -16.64 -10.19 -5.59
C ALA B 75 -16.01 -9.15 -4.66
N LYS B 76 -14.70 -9.16 -4.57
CA LYS B 76 -13.99 -8.27 -3.65
C LYS B 76 -13.48 -7.01 -4.33
N ASN B 77 -13.84 -6.78 -5.61
CA ASN B 77 -13.37 -5.60 -6.35
C ASN B 77 -11.88 -5.41 -6.20
N THR B 78 -11.13 -6.53 -6.33
CA THR B 78 -9.69 -6.53 -6.13
C THR B 78 -8.98 -7.13 -7.30
N VAL B 79 -7.81 -6.58 -7.68
CA VAL B 79 -6.93 -7.20 -8.66
C VAL B 79 -5.56 -7.45 -8.02
N TYR B 80 -4.85 -8.38 -8.65
CA TYR B 80 -3.58 -8.91 -8.14
C TYR B 80 -2.58 -8.90 -9.28
N LEU B 81 -1.34 -8.50 -9.02
CA LEU B 81 -0.24 -8.52 -9.97
C LEU B 81 0.88 -9.39 -9.44
N GLN B 82 1.04 -10.55 -10.01
CA GLN B 82 2.14 -11.45 -9.65
C GLN B 82 3.31 -11.08 -10.53
N MET B 83 4.37 -10.57 -9.93
CA MET B 83 5.53 -10.08 -10.69
C MET B 83 6.63 -11.10 -10.51
N ASN B 84 7.06 -11.73 -11.58
CA ASN B 84 8.12 -12.74 -11.54
C ASN B 84 9.28 -12.35 -12.41
N SER B 85 10.40 -13.02 -12.23
CA SER B 85 11.56 -12.85 -13.06
C SER B 85 11.96 -11.37 -13.16
N LEU B 86 12.01 -10.73 -12.03
CA LEU B 86 12.19 -9.29 -11.99
C LEU B 86 13.59 -8.93 -12.47
N LYS B 87 13.67 -7.76 -13.14
CA LYS B 87 14.89 -7.20 -13.72
C LYS B 87 15.14 -5.80 -13.13
N LEU B 88 16.39 -5.33 -13.23
CA LEU B 88 16.70 -3.98 -12.74
C LEU B 88 15.77 -2.96 -13.38
N GLU B 89 15.43 -3.16 -14.67
CA GLU B 89 14.62 -2.21 -15.41
C GLU B 89 13.19 -2.20 -14.94
N ASP B 90 12.82 -3.17 -14.09
CA ASP B 90 11.51 -3.13 -13.48
C ASP B 90 11.42 -2.30 -12.21
N THR B 91 12.55 -1.79 -11.71
CA THR B 91 12.53 -0.92 -10.56
C THR B 91 11.74 0.34 -10.93
N ALA B 92 10.77 0.66 -10.10
CA ALA B 92 9.81 1.71 -10.41
C ALA B 92 8.79 1.82 -9.29
N ILE B 93 8.06 2.93 -9.29
CA ILE B 93 6.80 2.99 -8.54
C ILE B 93 5.73 2.36 -9.40
N TYR B 94 4.94 1.45 -8.80
CA TYR B 94 3.81 0.79 -9.47
C TYR B 94 2.55 1.37 -8.88
N TYR B 95 1.67 1.86 -9.73
CA TYR B 95 0.45 2.57 -9.37
C TYR B 95 -0.77 1.76 -9.79
N CYS B 96 -1.61 1.41 -8.85
CA CYS B 96 -2.92 0.90 -9.15
C CYS B 96 -3.73 2.04 -9.75
N THR B 97 -4.54 1.75 -10.76
CA THR B 97 -5.29 2.77 -11.46
C THR B 97 -6.49 2.13 -12.14
N LEU B 98 -7.58 2.85 -12.19
CA LEU B 98 -8.86 2.36 -12.68
C LEU B 98 -9.51 3.35 -13.60
N HIS B 99 -10.32 2.82 -14.53
CA HIS B 99 -11.25 3.60 -15.34
C HIS B 99 -12.41 2.70 -15.68
N ARG B 100 -13.60 3.29 -15.88
CA ARG B 100 -14.73 2.52 -16.40
C ARG B 100 -14.38 1.70 -17.65
N PHE B 101 -13.61 2.24 -18.59
CA PHE B 101 -13.43 1.65 -19.90
C PHE B 101 -11.96 1.33 -20.13
N ALA B 102 -11.70 0.16 -20.71
CA ALA B 102 -10.35 -0.28 -20.99
C ALA B 102 -9.63 0.59 -22.01
N ASN B 103 -10.33 1.07 -23.03
CA ASN B 103 -9.67 1.94 -24.01
C ASN B 103 -9.19 3.24 -23.34
N THR B 104 -10.05 3.89 -22.52
CA THR B 104 -9.65 5.10 -21.82
C THR B 104 -8.57 4.79 -20.81
N TRP B 105 -8.68 3.65 -20.12
CA TRP B 105 -7.70 3.28 -19.10
C TRP B 105 -6.29 3.34 -19.65
N SER B 106 -6.10 2.87 -20.87
CA SER B 106 -4.77 2.74 -21.49
C SER B 106 -4.09 4.07 -21.55
N LEU B 107 -4.85 5.19 -21.65
CA LEU B 107 -4.30 6.53 -21.78
C LEU B 107 -3.86 7.13 -20.46
N GLY B 108 -4.35 6.64 -19.35
CA GLY B 108 -3.98 7.15 -18.02
C GLY B 108 -4.64 8.44 -17.63
N THR B 109 -4.78 9.38 -18.56
CA THR B 109 -5.11 10.76 -18.23
C THR B 109 -6.36 10.93 -17.36
N LEU B 110 -7.40 10.15 -17.61
CA LEU B 110 -8.67 10.30 -16.95
C LEU B 110 -8.91 9.25 -15.85
N ASN B 111 -7.88 8.48 -15.52
CA ASN B 111 -8.04 7.41 -14.56
C ASN B 111 -8.10 7.95 -13.12
N VAL B 112 -8.63 7.12 -12.21
CA VAL B 112 -8.38 7.23 -10.78
C VAL B 112 -7.01 6.65 -10.50
N TRP B 113 -6.22 7.37 -9.69
CA TRP B 113 -4.85 6.99 -9.38
C TRP B 113 -4.67 6.80 -7.88
N GLY B 114 -3.92 5.68 -7.55
CA GLY B 114 -3.36 5.41 -6.21
C GLY B 114 -2.02 6.17 -6.02
N GLN B 115 -1.48 6.25 -4.79
CA GLN B 115 -0.14 6.82 -4.55
C GLN B 115 0.96 5.81 -4.90
N GLY B 116 0.59 4.56 -5.08
CA GLY B 116 1.53 3.58 -5.61
C GLY B 116 2.47 2.95 -4.55
N THR B 117 3.28 2.02 -4.99
CA THR B 117 4.25 1.38 -4.14
C THR B 117 5.55 1.20 -4.90
N GLN B 118 6.64 1.43 -4.20
CA GLN B 118 7.96 1.22 -4.76
C GLN B 118 8.31 -0.26 -4.87
N VAL B 119 8.86 -0.65 -6.00
CA VAL B 119 9.46 -1.95 -6.21
C VAL B 119 10.92 -1.72 -6.59
N THR B 120 11.84 -2.23 -5.79
CA THR B 120 13.28 -2.02 -6.04
C THR B 120 13.91 -3.39 -6.26
N VAL B 121 14.42 -3.62 -7.47
CA VAL B 121 15.05 -4.85 -7.88
C VAL B 121 16.56 -4.64 -7.85
N SER B 122 17.25 -5.47 -7.11
CA SER B 122 18.72 -5.36 -7.00
C SER B 122 19.31 -6.59 -7.66
#